data_1Q8N
#
_entry.id   1Q8N
#
loop_
_entity.id
_entity.type
_entity.pdbx_description
1 polymer 'RNA Aptamer'
2 non-polymer 'MALACHITE GREEN'
#
_entity_poly.entity_id   1
_entity_poly.type   'polyribonucleotide'
_entity_poly.pdbx_seq_one_letter_code
;GGAUCCCGACUGGCGAGAGCCAGGUAACGAAUGGAUCC
;
_entity_poly.pdbx_strand_id   A
#